data_6J3G
#
_entry.id   6J3G
#
_cell.length_a   176.810
_cell.length_b   48.645
_cell.length_c   74.308
_cell.angle_alpha   90.00
_cell.angle_beta   93.17
_cell.angle_gamma   90.00
#
_symmetry.space_group_name_H-M   'C 1 2 1'
#
loop_
_entity.id
_entity.type
_entity.pdbx_description
1 polymer 'Glutathione S-transferase'
2 non-polymer 1,2-ETHANEDIOL
3 non-polymer 'CALCIUM ION'
4 non-polymer 'SULFATE ION'
5 water water
#
_entity_poly.entity_id   1
_entity_poly.type   'polypeptide(L)'
_entity_poly.pdbx_seq_one_letter_code
;SGLVPRGSHMIQQIHFYDIPRNRDEDDRTWNPNTSKTRLTLTYKRLPYKTIWVEYPDIERVCKEIGAEPSAFGLLKEGKP
YYSLPVIHDPNTGTTISDSIRIARYLDKTYPDTPAVIPAELEAFHAVFEDAFWDTIFMPLFPFLVPAACPQLNPRSEAYF
RETREGKFGSILGGKMENWAPTGPVRDDRWKALQAGFTKMAGWLSADGQERPFFMGEKLCYTDIVVGAWLISVKKVFGSD
HPEWLQVEKWDGGRWSRLVQVVENF
;
_entity_poly.pdbx_strand_id   A,B
#
loop_
_chem_comp.id
_chem_comp.type
_chem_comp.name
_chem_comp.formula
CA non-polymer 'CALCIUM ION' 'Ca 2'
EDO non-polymer 1,2-ETHANEDIOL 'C2 H6 O2'
SO4 non-polymer 'SULFATE ION' 'O4 S -2'
#
# COMPACT_ATOMS: atom_id res chain seq x y z
N SER A 1 -15.33 -10.48 63.49
CA SER A 1 -15.46 -9.84 62.19
C SER A 1 -16.35 -10.64 61.26
N GLY A 2 -17.50 -10.08 60.90
CA GLY A 2 -18.39 -10.73 59.96
C GLY A 2 -18.13 -10.32 58.53
N LEU A 3 -16.89 -9.94 58.21
CA LEU A 3 -16.56 -9.37 56.91
C LEU A 3 -15.96 -10.42 55.99
N VAL A 4 -16.40 -10.43 54.75
CA VAL A 4 -15.88 -11.31 53.71
C VAL A 4 -15.69 -10.52 52.44
N PRO A 5 -14.79 -10.96 51.56
CA PRO A 5 -14.50 -10.15 50.36
C PRO A 5 -15.59 -10.25 49.31
N ARG A 6 -15.84 -9.12 48.64
CA ARG A 6 -16.65 -9.14 47.43
C ARG A 6 -15.73 -9.06 46.24
N GLY A 7 -16.15 -9.69 45.14
CA GLY A 7 -15.29 -9.83 43.99
C GLY A 7 -14.92 -8.49 43.39
N SER A 8 -13.70 -8.41 42.90
CA SER A 8 -13.28 -7.24 42.14
C SER A 8 -13.72 -7.38 40.69
N HIS A 9 -14.03 -6.26 40.07
CA HIS A 9 -14.38 -6.21 38.66
C HIS A 9 -13.33 -5.47 37.84
N MET A 10 -12.10 -5.36 38.35
CA MET A 10 -11.04 -4.77 37.57
C MET A 10 -10.70 -5.69 36.40
N ILE A 11 -10.22 -5.09 35.32
CA ILE A 11 -9.83 -5.88 34.16
C ILE A 11 -8.63 -6.74 34.54
N GLN A 12 -8.73 -8.04 34.31
CA GLN A 12 -7.64 -8.95 34.60
C GLN A 12 -6.56 -8.84 33.53
N GLN A 13 -5.35 -9.25 33.89
CA GLN A 13 -4.24 -9.22 32.93
C GLN A 13 -4.55 -10.12 31.75
N ILE A 14 -4.52 -9.54 30.55
CA ILE A 14 -4.55 -10.33 29.33
C ILE A 14 -3.27 -11.13 29.20
N HIS A 15 -3.40 -12.38 28.77
CA HIS A 15 -2.25 -13.26 28.57
C HIS A 15 -1.68 -13.01 27.18
N PHE A 16 -0.48 -12.44 27.12
CA PHE A 16 0.17 -12.05 25.87
C PHE A 16 1.32 -13.01 25.60
N TYR A 17 1.24 -13.74 24.49
CA TYR A 17 2.24 -14.74 24.14
C TYR A 17 3.27 -14.11 23.22
N ASP A 18 4.54 -14.13 23.65
CA ASP A 18 5.64 -13.42 23.01
C ASP A 18 6.82 -14.38 22.85
N ILE A 19 7.74 -14.04 21.96
CA ILE A 19 8.91 -14.88 21.66
C ILE A 19 10.13 -14.29 22.36
N PRO A 20 10.78 -15.02 23.26
CA PRO A 20 11.91 -14.46 23.99
C PRO A 20 13.17 -14.47 23.14
N ARG A 21 14.19 -13.79 23.64
CA ARG A 21 15.54 -13.94 23.12
C ARG A 21 16.46 -14.22 24.31
N ASN A 22 17.73 -14.47 24.03
CA ASN A 22 18.70 -14.90 25.05
C ASN A 22 19.18 -13.69 25.85
N ARG A 23 18.28 -13.14 26.68
CA ARG A 23 18.56 -12.02 27.57
C ARG A 23 17.73 -12.22 28.84
N ASP A 24 18.00 -11.40 29.86
CA ASP A 24 17.17 -11.47 31.06
C ASP A 24 15.79 -10.86 30.76
N GLU A 25 14.86 -11.08 31.70
CA GLU A 25 13.43 -10.82 31.48
C GLU A 25 13.15 -9.45 30.85
N ASP A 26 13.75 -8.39 31.40
CA ASP A 26 13.40 -7.02 31.01
C ASP A 26 13.90 -6.62 29.63
N ASP A 27 14.69 -7.46 28.97
CA ASP A 27 15.14 -7.19 27.60
C ASP A 27 14.82 -8.36 26.68
N ARG A 28 13.88 -9.21 27.08
CA ARG A 28 13.57 -10.45 26.37
C ARG A 28 12.74 -10.22 25.12
N THR A 29 11.90 -9.18 25.09
CA THR A 29 11.05 -8.95 23.92
C THR A 29 11.87 -8.28 22.81
N TRP A 30 11.54 -8.62 21.56
CA TRP A 30 12.29 -8.15 20.39
C TRP A 30 11.52 -8.21 19.07
N ASN A 31 10.52 -9.09 18.98
CA ASN A 31 9.95 -9.48 17.69
C ASN A 31 9.07 -8.38 17.13
N PRO A 32 9.16 -8.10 15.81
CA PRO A 32 8.36 -7.00 15.26
C PRO A 32 6.87 -7.27 15.22
N ASN A 33 6.46 -8.49 14.90
CA ASN A 33 5.04 -8.79 14.83
C ASN A 33 4.39 -8.87 16.20
N THR A 34 5.07 -9.47 17.18
CA THR A 34 4.51 -9.44 18.53
C THR A 34 4.54 -8.04 19.12
N SER A 35 5.52 -7.22 18.72
CA SER A 35 5.57 -5.83 19.18
C SER A 35 4.33 -5.06 18.75
N LYS A 36 3.73 -5.39 17.61
CA LYS A 36 2.48 -4.75 17.20
C LYS A 36 1.42 -4.89 18.29
N THR A 37 1.24 -6.12 18.79
CA THR A 37 0.22 -6.36 19.81
C THR A 37 0.63 -5.79 21.16
N ARG A 38 1.91 -5.93 21.53
CA ARG A 38 2.36 -5.33 22.78
C ARG A 38 2.13 -3.83 22.76
N LEU A 39 2.41 -3.17 21.64
CA LEU A 39 2.16 -1.74 21.55
C LEU A 39 0.67 -1.41 21.55
N THR A 40 -0.16 -2.23 20.90
CA THR A 40 -1.61 -1.98 20.92
C THR A 40 -2.14 -2.06 22.36
N LEU A 41 -1.71 -3.09 23.11
CA LEU A 41 -2.12 -3.25 24.50
C LEU A 41 -1.68 -2.05 25.34
N THR A 42 -0.41 -1.62 25.22
CA THR A 42 0.06 -0.53 26.07
C THR A 42 -0.55 0.80 25.65
N TYR A 43 -0.75 1.02 24.35
CA TYR A 43 -1.44 2.23 23.91
C TYR A 43 -2.82 2.34 24.54
N LYS A 44 -3.55 1.23 24.59
CA LYS A 44 -4.87 1.20 25.20
C LYS A 44 -4.83 1.14 26.71
N ARG A 45 -3.63 1.08 27.30
CA ARG A 45 -3.41 0.98 28.75
C ARG A 45 -4.14 -0.22 29.34
N LEU A 46 -4.18 -1.32 28.60
CA LEU A 46 -4.76 -2.55 29.10
C LEU A 46 -3.70 -3.38 29.84
N PRO A 47 -4.06 -4.02 30.95
CA PRO A 47 -3.07 -4.83 31.67
C PRO A 47 -2.79 -6.15 30.96
N TYR A 48 -1.55 -6.59 31.08
CA TYR A 48 -1.19 -7.87 30.46
C TYR A 48 0.01 -8.44 31.18
N LYS A 49 0.22 -9.74 30.98
CA LYS A 49 1.44 -10.41 31.38
C LYS A 49 1.95 -11.20 30.20
N THR A 50 3.27 -11.41 30.16
CA THR A 50 3.91 -12.07 29.04
C THR A 50 4.16 -13.53 29.38
N ILE A 51 3.74 -14.42 28.48
CA ILE A 51 4.12 -15.83 28.50
C ILE A 51 5.07 -16.06 27.35
N TRP A 52 6.27 -16.57 27.66
CA TRP A 52 7.33 -16.76 26.66
C TRP A 52 7.18 -18.12 25.97
N VAL A 53 7.26 -18.10 24.65
CA VAL A 53 7.16 -19.31 23.81
C VAL A 53 8.28 -19.27 22.78
N GLU A 54 9.09 -20.32 22.73
CA GLU A 54 10.12 -20.44 21.70
C GLU A 54 9.51 -20.79 20.36
N TYR A 55 10.16 -20.39 19.26
CA TYR A 55 9.67 -20.65 17.92
C TYR A 55 9.18 -22.08 17.69
N PRO A 56 9.96 -23.13 17.97
CA PRO A 56 9.48 -24.50 17.67
C PRO A 56 8.29 -24.95 18.50
N ASP A 57 7.90 -24.21 19.53
CA ASP A 57 6.78 -24.61 20.39
C ASP A 57 5.49 -23.88 20.07
N ILE A 58 5.51 -22.96 19.11
CA ILE A 58 4.37 -22.05 18.94
C ILE A 58 3.12 -22.82 18.50
N GLU A 59 3.27 -23.77 17.57
CA GLU A 59 2.12 -24.52 17.09
C GLU A 59 1.46 -25.30 18.23
N ARG A 60 2.26 -25.99 19.04
CA ARG A 60 1.65 -26.83 20.07
C ARG A 60 1.01 -25.99 21.16
N VAL A 61 1.60 -24.84 21.51
CA VAL A 61 0.97 -23.93 22.47
C VAL A 61 -0.34 -23.40 21.87
N CYS A 62 -0.30 -22.96 20.61
CA CYS A 62 -1.51 -22.45 19.97
C CYS A 62 -2.63 -23.49 20.02
N LYS A 63 -2.31 -24.75 19.70
CA LYS A 63 -3.35 -25.77 19.72
C LYS A 63 -3.84 -26.01 21.14
N GLU A 64 -2.95 -25.95 22.12
CA GLU A 64 -3.33 -26.17 23.51
C GLU A 64 -4.33 -25.12 23.98
N ILE A 65 -4.08 -23.84 23.67
CA ILE A 65 -4.91 -22.77 24.20
C ILE A 65 -6.02 -22.35 23.25
N GLY A 66 -6.08 -22.93 22.06
CA GLY A 66 -7.17 -22.64 21.14
C GLY A 66 -6.94 -21.47 20.22
N ALA A 67 -5.70 -21.15 19.88
CA ALA A 67 -5.41 -20.08 18.94
C ALA A 67 -5.44 -20.65 17.53
N GLU A 68 -6.07 -19.91 16.62
N GLU A 68 -6.07 -19.91 16.62
CA GLU A 68 -6.13 -20.31 15.22
CA GLU A 68 -6.13 -20.37 15.24
C GLU A 68 -4.79 -20.04 14.54
C GLU A 68 -4.83 -20.02 14.51
N PRO A 69 -4.51 -20.74 13.44
CA PRO A 69 -3.35 -20.37 12.62
C PRO A 69 -3.53 -18.96 12.07
N SER A 70 -2.41 -18.28 11.85
CA SER A 70 -2.47 -16.91 11.34
C SER A 70 -2.55 -16.83 9.83
N ALA A 71 -2.23 -17.93 9.15
CA ALA A 71 -2.40 -18.05 7.70
C ALA A 71 -2.10 -19.49 7.32
N PHE A 72 -2.11 -19.76 6.02
CA PHE A 72 -1.99 -21.13 5.51
C PHE A 72 -0.98 -21.15 4.38
N GLY A 73 0.21 -21.68 4.66
CA GLY A 73 1.18 -21.98 3.63
C GLY A 73 2.33 -21.01 3.45
N LEU A 74 2.75 -20.30 4.50
CA LEU A 74 3.91 -19.42 4.36
C LEU A 74 5.22 -20.21 4.32
N LEU A 75 5.27 -21.35 5.02
CA LEU A 75 6.44 -22.21 5.07
C LEU A 75 6.22 -23.52 4.33
N LYS A 76 5.12 -24.19 4.62
CA LYS A 76 4.73 -25.44 3.97
C LYS A 76 3.58 -25.15 3.01
N GLU A 77 3.74 -25.57 1.75
CA GLU A 77 2.76 -25.22 0.72
C GLU A 77 1.35 -25.68 1.09
N GLY A 78 1.21 -26.78 1.82
CA GLY A 78 -0.11 -27.29 2.12
C GLY A 78 -0.46 -27.40 3.59
N LYS A 79 0.18 -26.61 4.46
CA LYS A 79 -0.07 -26.75 5.90
C LYS A 79 -0.33 -25.40 6.54
N PRO A 80 -1.17 -25.36 7.57
CA PRO A 80 -1.43 -24.10 8.27
C PRO A 80 -0.21 -23.59 9.03
N TYR A 81 -0.12 -22.28 9.13
CA TYR A 81 1.00 -21.58 9.75
C TYR A 81 0.53 -20.96 11.05
N TYR A 82 1.08 -21.42 12.17
CA TYR A 82 0.78 -20.86 13.49
C TYR A 82 1.87 -19.87 13.86
N SER A 83 1.48 -18.68 14.31
CA SER A 83 2.45 -17.66 14.67
C SER A 83 2.01 -16.92 15.93
N LEU A 84 2.97 -16.27 16.56
CA LEU A 84 2.70 -15.25 17.56
C LEU A 84 2.75 -13.88 16.90
N PRO A 85 2.08 -12.87 17.45
CA PRO A 85 1.43 -12.79 18.76
C PRO A 85 0.10 -13.52 18.86
N VAL A 86 -0.20 -13.96 20.07
CA VAL A 86 -1.52 -14.45 20.46
C VAL A 86 -1.84 -13.81 21.79
N ILE A 87 -3.12 -13.49 22.03
CA ILE A 87 -3.59 -13.15 23.36
C ILE A 87 -4.68 -14.12 23.76
N HIS A 88 -4.69 -14.51 25.03
CA HIS A 88 -5.87 -15.11 25.65
C HIS A 88 -6.39 -14.11 26.66
N ASP A 89 -7.65 -13.70 26.51
CA ASP A 89 -8.22 -12.70 27.40
C ASP A 89 -9.08 -13.41 28.43
N PRO A 90 -8.61 -13.56 29.67
CA PRO A 90 -9.43 -14.27 30.68
C PRO A 90 -10.68 -13.52 31.08
N ASN A 91 -10.77 -12.21 30.79
CA ASN A 91 -11.98 -11.47 31.08
C ASN A 91 -13.16 -11.96 30.26
N THR A 92 -12.92 -12.53 29.09
CA THR A 92 -13.97 -13.04 28.23
C THR A 92 -13.81 -14.52 27.89
N GLY A 93 -12.65 -15.11 28.16
CA GLY A 93 -12.37 -16.46 27.74
C GLY A 93 -11.99 -16.62 26.28
N THR A 94 -11.69 -15.53 25.56
CA THR A 94 -11.40 -15.59 24.14
C THR A 94 -9.90 -15.59 23.87
N THR A 95 -9.49 -16.40 22.89
CA THR A 95 -8.12 -16.47 22.40
C THR A 95 -8.11 -15.95 20.97
N ILE A 96 -7.18 -15.06 20.64
CA ILE A 96 -7.12 -14.39 19.34
C ILE A 96 -5.68 -14.42 18.84
N SER A 97 -5.49 -14.76 17.57
CA SER A 97 -4.18 -14.71 16.93
C SER A 97 -4.22 -13.75 15.74
N ASP A 98 -3.03 -13.39 15.25
CA ASP A 98 -2.83 -12.39 14.20
C ASP A 98 -3.04 -10.97 14.72
N SER A 99 -2.04 -10.09 14.54
CA SER A 99 -2.06 -8.81 15.23
C SER A 99 -3.24 -7.94 14.78
N ILE A 100 -3.68 -8.07 13.52
CA ILE A 100 -4.82 -7.28 13.07
C ILE A 100 -6.10 -7.77 13.74
N ARG A 101 -6.30 -9.09 13.81
CA ARG A 101 -7.47 -9.62 14.49
C ARG A 101 -7.46 -9.29 15.98
N ILE A 102 -6.26 -9.28 16.59
CA ILE A 102 -6.16 -8.88 17.98
C ILE A 102 -6.54 -7.42 18.15
N ALA A 103 -6.09 -6.56 17.23
CA ALA A 103 -6.46 -5.14 17.31
C ALA A 103 -7.97 -4.96 17.21
N ARG A 104 -8.61 -5.68 16.29
CA ARG A 104 -10.06 -5.58 16.16
C ARG A 104 -10.76 -6.07 17.43
N TYR A 105 -10.28 -7.18 17.99
CA TYR A 105 -10.88 -7.71 19.21
C TYR A 105 -10.74 -6.70 20.35
N LEU A 106 -9.59 -6.05 20.46
CA LEU A 106 -9.37 -5.13 21.56
C LEU A 106 -10.19 -3.85 21.39
N ASP A 107 -10.31 -3.36 20.16
CA ASP A 107 -11.22 -2.25 19.88
C ASP A 107 -12.64 -2.62 20.30
N LYS A 108 -13.09 -3.80 19.88
CA LYS A 108 -14.48 -4.22 20.09
C LYS A 108 -14.76 -4.52 21.55
N THR A 109 -13.82 -5.18 22.23
CA THR A 109 -14.06 -5.61 23.60
C THR A 109 -13.85 -4.48 24.60
N TYR A 110 -13.00 -3.50 24.28
CA TYR A 110 -12.70 -2.38 25.18
C TYR A 110 -13.00 -1.07 24.48
N PRO A 111 -14.27 -0.81 24.19
CA PRO A 111 -14.64 0.40 23.42
C PRO A 111 -14.29 1.71 24.10
N ASP A 112 -14.05 1.72 25.41
CA ASP A 112 -13.63 2.95 26.05
C ASP A 112 -12.13 3.23 25.89
N THR A 113 -11.35 2.29 25.33
CA THR A 113 -9.95 2.61 25.04
C THR A 113 -9.85 3.24 23.65
N PRO A 114 -8.76 3.97 23.36
CA PRO A 114 -8.64 4.63 22.06
C PRO A 114 -8.67 3.62 20.93
N ALA A 115 -9.59 3.81 19.99
CA ALA A 115 -9.75 2.88 18.88
C ALA A 115 -8.55 2.95 17.95
N VAL A 116 -8.23 1.80 17.35
CA VAL A 116 -7.00 1.67 16.61
C VAL A 116 -7.29 1.24 15.17
N ILE A 117 -8.42 0.56 14.94
CA ILE A 117 -8.72 0.08 13.60
C ILE A 117 -10.22 0.20 13.30
N PRO A 118 -10.72 1.40 13.06
CA PRO A 118 -12.12 1.55 12.64
C PRO A 118 -12.37 0.98 11.26
N ALA A 119 -13.66 0.71 11.00
CA ALA A 119 -14.03 0.09 9.72
C ALA A 119 -13.48 0.87 8.52
N GLU A 120 -13.47 2.19 8.60
CA GLU A 120 -13.03 2.96 7.45
C GLU A 120 -11.52 2.85 7.21
N LEU A 121 -10.76 2.26 8.13
CA LEU A 121 -9.34 2.03 7.90
C LEU A 121 -9.05 0.68 7.26
N GLU A 122 -10.00 -0.26 7.30
CA GLU A 122 -9.66 -1.67 7.07
C GLU A 122 -9.06 -1.91 5.69
N ALA A 123 -9.67 -1.35 4.64
CA ALA A 123 -9.17 -1.59 3.29
C ALA A 123 -7.85 -0.85 3.05
N PHE A 124 -7.76 0.42 3.48
CA PHE A 124 -6.51 1.15 3.28
C PHE A 124 -5.39 0.57 4.10
N HIS A 125 -5.68 0.01 5.28
CA HIS A 125 -4.60 -0.63 6.02
C HIS A 125 -4.15 -1.91 5.32
N ALA A 126 -5.09 -2.65 4.73
CA ALA A 126 -4.69 -3.83 3.95
C ALA A 126 -3.81 -3.42 2.77
N VAL A 127 -4.14 -2.31 2.11
CA VAL A 127 -3.28 -1.79 1.05
C VAL A 127 -1.89 -1.51 1.61
N PHE A 128 -1.83 -0.84 2.76
CA PHE A 128 -0.56 -0.50 3.39
C PHE A 128 0.30 -1.75 3.64
N GLU A 129 -0.31 -2.81 4.17
CA GLU A 129 0.50 -3.98 4.50
C GLU A 129 1.18 -4.53 3.26
N ASP A 130 0.50 -4.49 2.11
CA ASP A 130 1.13 -4.97 0.87
C ASP A 130 2.17 -3.99 0.34
N ALA A 131 1.89 -2.69 0.39
CA ALA A 131 2.93 -1.72 0.02
C ALA A 131 4.12 -1.81 0.98
N PHE A 132 3.84 -1.93 2.28
CA PHE A 132 4.90 -2.06 3.27
C PHE A 132 5.76 -3.29 3.04
N TRP A 133 5.12 -4.41 2.68
CA TRP A 133 5.88 -5.63 2.43
C TRP A 133 6.95 -5.39 1.39
N ASP A 134 6.59 -4.73 0.30
CA ASP A 134 7.52 -4.50 -0.79
C ASP A 134 8.52 -3.41 -0.49
N THR A 135 8.11 -2.30 0.15
CA THR A 135 9.09 -1.23 0.21
C THR A 135 9.87 -1.19 1.51
N ILE A 136 9.39 -1.79 2.60
CA ILE A 136 10.12 -1.87 3.87
C ILE A 136 10.53 -3.30 4.23
N PHE A 137 9.57 -4.22 4.34
CA PHE A 137 9.85 -5.55 4.89
C PHE A 137 10.93 -6.28 4.09
N MET A 138 10.77 -6.36 2.78
CA MET A 138 11.76 -7.11 2.00
C MET A 138 13.15 -6.47 2.04
N PRO A 139 13.31 -5.16 1.89
CA PRO A 139 14.63 -4.57 2.10
C PRO A 139 15.14 -4.69 3.52
N LEU A 140 14.25 -4.75 4.52
CA LEU A 140 14.72 -4.84 5.91
C LEU A 140 15.11 -6.26 6.30
N PHE A 141 14.48 -7.25 5.69
CA PHE A 141 14.74 -8.66 6.02
C PHE A 141 16.22 -9.04 6.06
N PRO A 142 17.04 -8.72 5.05
CA PRO A 142 18.46 -9.14 5.13
C PRO A 142 19.26 -8.44 6.21
N PHE A 143 18.70 -7.42 6.86
CA PHE A 143 19.32 -6.77 8.01
C PHE A 143 18.79 -7.29 9.33
N LEU A 144 17.48 -7.27 9.53
CA LEU A 144 16.91 -7.62 10.83
C LEU A 144 17.08 -9.10 11.14
N VAL A 145 16.89 -9.96 10.15
CA VAL A 145 16.84 -11.40 10.41
C VAL A 145 18.23 -11.92 10.79
N PRO A 146 19.30 -11.60 10.06
CA PRO A 146 20.63 -12.06 10.52
C PRO A 146 21.09 -11.43 11.81
N ALA A 147 20.62 -10.22 12.14
CA ALA A 147 20.98 -9.63 13.43
C ALA A 147 20.26 -10.31 14.58
N ALA A 148 18.97 -10.61 14.40
CA ALA A 148 18.20 -11.21 15.50
C ALA A 148 18.57 -12.66 15.73
N CYS A 149 18.88 -13.40 14.67
CA CYS A 149 19.03 -14.86 14.77
C CYS A 149 20.01 -15.32 15.86
N PRO A 150 21.26 -14.86 15.92
CA PRO A 150 22.16 -15.30 17.01
C PRO A 150 21.77 -14.78 18.38
N GLN A 151 20.83 -13.84 18.49
CA GLN A 151 20.38 -13.41 19.81
C GLN A 151 19.36 -14.38 20.41
N LEU A 152 18.85 -15.33 19.64
CA LEU A 152 17.78 -16.18 20.15
C LEU A 152 18.34 -17.29 21.04
N ASN A 153 17.48 -17.84 21.88
CA ASN A 153 17.85 -19.04 22.63
C ASN A 153 18.08 -20.19 21.65
N PRO A 154 18.97 -21.13 21.99
CA PRO A 154 19.39 -22.15 21.01
C PRO A 154 18.27 -22.86 20.27
N ARG A 155 17.20 -23.27 20.95
CA ARG A 155 16.12 -23.97 20.27
C ARG A 155 15.45 -23.06 19.24
N SER A 156 15.33 -21.77 19.54
CA SER A 156 14.74 -20.85 18.58
C SER A 156 15.73 -20.47 17.48
N GLU A 157 17.01 -20.34 17.81
CA GLU A 157 18.00 -19.96 16.80
C GLU A 157 18.03 -20.98 15.67
N ALA A 158 18.07 -22.27 16.01
CA ALA A 158 18.09 -23.31 14.99
C ALA A 158 16.84 -23.27 14.12
N TYR A 159 15.67 -23.17 14.74
CA TYR A 159 14.42 -23.11 13.99
C TYR A 159 14.37 -21.87 13.10
N PHE A 160 14.70 -20.71 13.66
CA PHE A 160 14.66 -19.43 12.94
C PHE A 160 15.61 -19.44 11.74
N ARG A 161 16.84 -19.89 11.95
CA ARG A 161 17.79 -19.95 10.85
C ARG A 161 17.28 -20.88 9.75
N GLU A 162 16.84 -22.08 10.13
CA GLU A 162 16.43 -23.05 9.11
C GLU A 162 15.22 -22.56 8.31
N THR A 163 14.22 -22.00 8.99
CA THR A 163 13.00 -21.61 8.28
C THR A 163 13.21 -20.34 7.45
N ARG A 164 13.97 -19.38 7.97
CA ARG A 164 14.15 -18.13 7.23
C ARG A 164 15.12 -18.30 6.06
N GLU A 165 16.22 -19.02 6.24
CA GLU A 165 17.05 -19.36 5.08
C GLU A 165 16.27 -20.20 4.10
N GLY A 166 15.47 -21.15 4.61
CA GLY A 166 14.65 -21.97 3.74
C GLY A 166 13.68 -21.16 2.90
N LYS A 167 13.18 -20.05 3.43
CA LYS A 167 12.19 -19.26 2.71
C LYS A 167 12.84 -18.30 1.71
N PHE A 168 13.79 -17.49 2.17
CA PHE A 168 14.29 -16.39 1.34
C PHE A 168 15.78 -16.46 1.07
N GLY A 169 16.48 -17.49 1.56
CA GLY A 169 17.92 -17.54 1.35
C GLY A 169 18.30 -17.56 -0.12
N SER A 170 17.51 -18.27 -0.94
CA SER A 170 17.91 -18.48 -2.32
C SER A 170 17.91 -17.20 -3.16
N ILE A 171 17.19 -16.16 -2.74
CA ILE A 171 17.19 -14.91 -3.48
C ILE A 171 17.98 -13.82 -2.75
N LEU A 172 18.65 -14.17 -1.65
CA LEU A 172 19.50 -13.23 -0.91
C LEU A 172 20.94 -13.71 -0.81
N GLY A 173 21.31 -14.77 -1.54
CA GLY A 173 22.70 -15.19 -1.62
C GLY A 173 23.08 -16.44 -0.84
N GLY A 174 22.11 -17.13 -0.24
CA GLY A 174 22.36 -18.39 0.43
C GLY A 174 22.12 -18.33 1.93
N LYS A 175 23.15 -18.63 2.71
CA LYS A 175 23.04 -18.54 4.16
C LYS A 175 23.10 -17.09 4.62
N MET A 176 22.60 -16.84 5.84
CA MET A 176 22.43 -15.47 6.33
C MET A 176 23.71 -14.65 6.26
N GLU A 177 24.86 -15.29 6.48
CA GLU A 177 26.12 -14.54 6.45
C GLU A 177 26.39 -13.93 5.09
N ASN A 178 25.77 -14.42 4.01
CA ASN A 178 25.98 -13.87 2.69
C ASN A 178 24.89 -12.90 2.25
N TRP A 179 23.88 -12.66 3.09
CA TRP A 179 22.79 -11.77 2.72
C TRP A 179 23.26 -10.31 2.68
N ALA A 180 23.96 -9.86 3.73
CA ALA A 180 24.41 -8.48 3.73
C ALA A 180 25.76 -8.35 4.42
N PRO A 181 26.81 -9.07 3.96
CA PRO A 181 28.09 -9.01 4.66
C PRO A 181 28.70 -7.60 4.55
N THR A 182 29.35 -7.16 5.62
CA THR A 182 29.89 -5.80 5.63
C THR A 182 30.78 -5.58 4.41
N GLY A 183 30.62 -4.42 3.78
CA GLY A 183 31.20 -4.16 2.50
C GLY A 183 30.18 -3.72 1.46
N PRO A 184 30.56 -3.78 0.18
CA PRO A 184 29.67 -3.26 -0.86
C PRO A 184 28.30 -3.90 -0.92
N VAL A 185 28.16 -5.18 -0.55
CA VAL A 185 26.84 -5.81 -0.62
C VAL A 185 25.94 -5.23 0.46
N ARG A 186 26.44 -5.15 1.70
CA ARG A 186 25.67 -4.51 2.75
C ARG A 186 25.35 -3.08 2.38
N ASP A 187 26.32 -2.35 1.79
CA ASP A 187 26.07 -0.95 1.45
C ASP A 187 24.99 -0.82 0.39
N ASP A 188 25.01 -1.69 -0.62
CA ASP A 188 23.96 -1.67 -1.65
C ASP A 188 22.60 -1.96 -1.05
N ARG A 189 22.52 -2.98 -0.19
CA ARG A 189 21.25 -3.29 0.47
C ARG A 189 20.81 -2.17 1.41
N TRP A 190 21.77 -1.53 2.07
CA TRP A 190 21.47 -0.41 2.97
C TRP A 190 20.84 0.75 2.20
N LYS A 191 21.36 1.05 1.01
CA LYS A 191 20.76 2.09 0.19
C LYS A 191 19.31 1.75 -0.16
N ALA A 192 19.04 0.48 -0.46
CA ALA A 192 17.67 0.08 -0.76
C ALA A 192 16.77 0.24 0.44
N LEU A 193 17.26 -0.09 1.64
CA LEU A 193 16.44 0.07 2.84
C LEU A 193 16.15 1.55 3.10
N GLN A 194 17.18 2.37 3.04
CA GLN A 194 17.05 3.83 3.15
C GLN A 194 16.06 4.39 2.13
N ALA A 195 16.13 3.89 0.90
CA ALA A 195 15.20 4.35 -0.14
C ALA A 195 13.77 3.96 0.19
N GLY A 196 13.55 2.76 0.76
CA GLY A 196 12.21 2.37 1.13
C GLY A 196 11.63 3.27 2.22
N PHE A 197 12.41 3.57 3.25
CA PHE A 197 11.91 4.46 4.29
C PHE A 197 11.63 5.86 3.75
N THR A 198 12.40 6.32 2.77
CA THR A 198 12.12 7.63 2.19
C THR A 198 10.84 7.60 1.36
N LYS A 199 10.58 6.49 0.66
CA LYS A 199 9.30 6.35 -0.03
C LYS A 199 8.14 6.34 0.96
N MET A 200 8.29 5.64 2.09
CA MET A 200 7.22 5.64 3.09
C MET A 200 7.04 7.03 3.70
N ALA A 201 8.14 7.73 3.99
CA ALA A 201 8.01 9.11 4.44
C ALA A 201 7.29 9.97 3.41
N GLY A 202 7.52 9.69 2.12
CA GLY A 202 6.84 10.41 1.06
C GLY A 202 5.33 10.21 1.07
N TRP A 203 4.86 9.03 1.48
CA TRP A 203 3.42 8.82 1.65
C TRP A 203 2.87 9.80 2.68
N LEU A 204 3.56 9.92 3.80
CA LEU A 204 3.08 10.75 4.89
C LEU A 204 3.15 12.22 4.56
N SER A 205 4.07 12.65 3.68
CA SER A 205 4.15 14.04 3.26
C SER A 205 3.53 14.30 1.89
N ALA A 206 2.65 13.40 1.43
CA ALA A 206 2.13 13.49 0.06
C ALA A 206 1.43 14.82 -0.19
N ASP A 207 0.79 15.39 0.82
CA ASP A 207 0.05 16.64 0.66
C ASP A 207 0.95 17.88 0.79
N GLY A 208 2.27 17.71 0.85
CA GLY A 208 3.18 18.81 1.06
C GLY A 208 3.33 19.26 2.49
N GLN A 209 2.66 18.61 3.45
CA GLN A 209 2.78 18.84 4.88
C GLN A 209 3.57 17.69 5.50
N GLU A 210 3.68 17.70 6.83
CA GLU A 210 4.39 16.64 7.57
C GLU A 210 3.51 16.14 8.72
N ARG A 211 2.40 15.49 8.39
CA ARG A 211 1.53 14.95 9.43
C ARG A 211 2.33 13.95 10.28
N PRO A 212 2.07 13.89 11.59
CA PRO A 212 2.79 12.92 12.42
C PRO A 212 2.32 11.50 12.23
N PHE A 213 1.07 11.29 11.82
CA PHE A 213 0.47 9.96 11.69
C PHE A 213 -0.27 9.89 10.36
N PHE A 214 -0.53 8.66 9.90
CA PHE A 214 -1.15 8.49 8.58
C PHE A 214 -2.46 9.27 8.47
N MET A 215 -3.32 9.21 9.50
CA MET A 215 -4.60 9.91 9.42
CA MET A 215 -4.60 9.91 9.44
C MET A 215 -4.46 11.43 9.55
N GLY A 216 -3.31 11.90 10.05
CA GLY A 216 -3.15 13.30 10.37
C GLY A 216 -2.64 13.45 11.79
N GLU A 217 -3.45 14.06 12.66
CA GLU A 217 -3.04 14.25 14.05
C GLU A 217 -3.33 13.05 14.93
N LYS A 218 -4.14 12.11 14.46
CA LYS A 218 -4.62 10.99 15.26
C LYS A 218 -3.90 9.71 14.84
N LEU A 219 -3.31 9.03 15.80
CA LEU A 219 -2.63 7.76 15.57
C LEU A 219 -3.65 6.64 15.33
N CYS A 220 -3.27 5.66 14.51
CA CYS A 220 -4.10 4.49 14.29
C CYS A 220 -3.19 3.26 14.20
N TYR A 221 -3.80 2.12 13.87
CA TYR A 221 -3.04 0.86 13.85
C TYR A 221 -1.86 0.90 12.87
N THR A 222 -2.00 1.59 11.75
CA THR A 222 -0.89 1.47 10.80
C THR A 222 0.33 2.24 11.28
N ASP A 223 0.16 3.31 12.07
CA ASP A 223 1.33 3.90 12.73
C ASP A 223 1.95 2.94 13.72
N ILE A 224 1.11 2.20 14.45
CA ILE A 224 1.61 1.23 15.42
C ILE A 224 2.41 0.14 14.71
N VAL A 225 1.97 -0.28 13.53
CA VAL A 225 2.75 -1.26 12.76
C VAL A 225 4.13 -0.71 12.42
N VAL A 226 4.19 0.51 11.89
CA VAL A 226 5.50 1.06 11.56
C VAL A 226 6.35 1.17 12.82
N GLY A 227 5.76 1.65 13.91
CA GLY A 227 6.51 1.79 15.15
C GLY A 227 7.00 0.46 15.69
N ALA A 228 6.24 -0.61 15.47
CA ALA A 228 6.65 -1.92 15.95
C ALA A 228 7.87 -2.43 15.19
N TRP A 229 7.91 -2.23 13.85
CA TRP A 229 9.08 -2.62 13.09
C TRP A 229 10.31 -1.83 13.53
N LEU A 230 10.14 -0.53 13.78
CA LEU A 230 11.29 0.28 14.20
C LEU A 230 11.80 -0.12 15.58
N ILE A 231 10.88 -0.35 16.54
CA ILE A 231 11.27 -0.78 17.88
C ILE A 231 12.00 -2.11 17.81
N SER A 232 11.57 -3.01 16.91
CA SER A 232 12.28 -4.27 16.76
C SER A 232 13.71 -4.05 16.29
N VAL A 233 13.89 -3.22 15.26
CA VAL A 233 15.24 -2.89 14.79
C VAL A 233 16.07 -2.31 15.92
N LYS A 234 15.50 -1.35 16.65
CA LYS A 234 16.26 -0.71 17.73
C LYS A 234 16.63 -1.69 18.82
N LYS A 235 15.67 -2.55 19.23
CA LYS A 235 15.94 -3.55 20.26
C LYS A 235 16.97 -4.59 19.80
N VAL A 236 16.94 -4.98 18.53
CA VAL A 236 17.88 -5.99 18.05
C VAL A 236 19.26 -5.39 17.82
N PHE A 237 19.31 -4.23 17.16
CA PHE A 237 20.62 -3.64 16.87
C PHE A 237 21.25 -3.01 18.10
N GLY A 238 20.46 -2.42 18.98
CA GLY A 238 20.96 -1.72 20.15
C GLY A 238 20.84 -0.21 19.93
N SER A 239 20.50 0.51 21.01
CA SER A 239 20.18 1.92 20.86
C SER A 239 21.39 2.77 20.50
N ASP A 240 22.61 2.28 20.74
CA ASP A 240 23.83 2.99 20.36
C ASP A 240 24.56 2.36 19.18
N HIS A 241 23.95 1.38 18.53
CA HIS A 241 24.55 0.80 17.33
C HIS A 241 24.62 1.85 16.23
N PRO A 242 25.77 2.03 15.59
CA PRO A 242 25.88 3.10 14.57
C PRO A 242 24.86 2.97 13.45
N GLU A 243 24.44 1.76 13.09
CA GLU A 243 23.45 1.64 12.03
C GLU A 243 22.08 2.08 12.52
N TRP A 244 21.74 1.80 13.79
CA TRP A 244 20.51 2.36 14.33
C TRP A 244 20.59 3.88 14.44
N LEU A 245 21.77 4.41 14.81
CA LEU A 245 21.90 5.86 14.91
C LEU A 245 21.72 6.53 13.55
N GLN A 246 22.10 5.85 12.46
CA GLN A 246 21.80 6.38 11.14
C GLN A 246 20.29 6.46 10.91
N VAL A 247 19.56 5.40 11.26
CA VAL A 247 18.11 5.38 11.06
C VAL A 247 17.45 6.54 11.81
N GLU A 248 17.96 6.87 13.00
CA GLU A 248 17.42 7.98 13.76
C GLU A 248 17.51 9.31 13.02
N LYS A 249 18.42 9.45 12.07
CA LYS A 249 18.59 10.67 11.28
C LYS A 249 17.98 10.58 9.88
N TRP A 250 17.33 9.46 9.56
CA TRP A 250 16.68 9.32 8.26
C TRP A 250 15.43 10.17 8.18
N ASP A 251 15.16 10.73 7.00
CA ASP A 251 13.88 11.39 6.69
C ASP A 251 13.52 12.46 7.72
N GLY A 252 14.49 13.32 8.00
CA GLY A 252 14.22 14.44 8.90
C GLY A 252 13.93 14.02 10.32
N GLY A 253 14.27 12.80 10.71
CA GLY A 253 14.02 12.35 12.07
C GLY A 253 12.63 11.80 12.30
N ARG A 254 11.85 11.58 11.24
CA ARG A 254 10.48 11.10 11.39
C ARG A 254 10.41 9.79 12.17
N TRP A 255 11.37 8.89 11.94
CA TRP A 255 11.30 7.58 12.58
C TRP A 255 11.79 7.62 14.02
N SER A 256 12.77 8.49 14.34
CA SER A 256 13.03 8.80 15.75
C SER A 256 11.78 9.28 16.45
N ARG A 257 11.04 10.21 15.82
CA ARG A 257 9.88 10.77 16.49
CA ARG A 257 9.84 10.79 16.42
C ARG A 257 8.80 9.70 16.71
N LEU A 258 8.58 8.82 15.72
CA LEU A 258 7.58 7.77 15.91
C LEU A 258 8.02 6.82 17.02
N VAL A 259 9.31 6.48 17.07
CA VAL A 259 9.82 5.59 18.11
C VAL A 259 9.60 6.21 19.49
N GLN A 260 9.83 7.52 19.60
CA GLN A 260 9.56 8.22 20.86
C GLN A 260 8.08 8.14 21.24
N VAL A 261 7.18 8.25 20.26
CA VAL A 261 5.74 8.12 20.53
C VAL A 261 5.44 6.74 21.15
N VAL A 262 5.81 5.67 20.45
CA VAL A 262 5.35 4.35 20.88
C VAL A 262 6.09 3.88 22.12
N GLU A 263 7.32 4.36 22.33
CA GLU A 263 8.04 4.04 23.56
C GLU A 263 7.38 4.68 24.77
N ASN A 264 6.59 5.73 24.58
CA ASN A 264 5.97 6.44 25.69
C ASN A 264 4.50 6.08 25.87
N PHE A 265 4.01 5.06 25.16
CA PHE A 265 2.67 4.54 25.41
C PHE A 265 2.51 4.15 26.89
N HIS B 9 -24.39 28.82 -9.59
CA HIS B 9 -24.19 27.57 -10.32
C HIS B 9 -24.15 27.71 -11.85
N MET B 10 -24.03 28.95 -12.33
CA MET B 10 -23.79 29.21 -13.75
C MET B 10 -22.32 29.59 -13.92
N ILE B 11 -21.56 28.74 -14.62
CA ILE B 11 -20.13 28.91 -14.74
C ILE B 11 -19.74 28.73 -16.21
N GLN B 12 -18.52 29.14 -16.55
CA GLN B 12 -18.04 28.79 -17.87
C GLN B 12 -17.45 27.39 -17.86
N GLN B 13 -17.51 26.73 -19.02
CA GLN B 13 -16.95 25.40 -19.16
C GLN B 13 -15.50 25.40 -18.73
N ILE B 14 -15.10 24.35 -18.03
CA ILE B 14 -13.70 24.13 -17.73
C ILE B 14 -13.02 23.58 -18.97
N HIS B 15 -11.77 23.98 -19.21
CA HIS B 15 -11.00 23.46 -20.34
C HIS B 15 -10.26 22.22 -19.88
N PHE B 16 -10.57 21.08 -20.50
CA PHE B 16 -9.97 19.80 -20.14
C PHE B 16 -9.09 19.34 -21.30
N TYR B 17 -7.80 19.13 -21.03
CA TYR B 17 -6.82 18.75 -22.04
C TYR B 17 -6.62 17.23 -21.99
N ASP B 18 -6.88 16.56 -23.11
CA ASP B 18 -6.96 15.10 -23.20
C ASP B 18 -6.20 14.66 -24.44
N ILE B 19 -5.83 13.38 -24.48
CA ILE B 19 -5.01 12.83 -25.55
C ILE B 19 -5.92 12.04 -26.47
N PRO B 20 -6.01 12.38 -27.76
CA PRO B 20 -6.90 11.65 -28.67
C PRO B 20 -6.30 10.30 -29.06
N ARG B 21 -7.13 9.50 -29.73
CA ARG B 21 -6.67 8.35 -30.49
C ARG B 21 -7.30 8.44 -31.88
N ASN B 22 -6.94 7.50 -32.76
CA ASN B 22 -7.37 7.55 -34.17
C ASN B 22 -8.80 7.01 -34.27
N ARG B 23 -9.74 7.83 -33.80
CA ARG B 23 -11.17 7.55 -33.88
C ARG B 23 -11.91 8.86 -34.03
N ASP B 24 -13.20 8.78 -34.36
CA ASP B 24 -14.02 9.99 -34.41
C ASP B 24 -14.28 10.52 -32.99
N GLU B 25 -14.77 11.77 -32.93
CA GLU B 25 -14.80 12.54 -31.69
C GLU B 25 -15.36 11.74 -30.50
N ASP B 26 -16.50 11.08 -30.66
CA ASP B 26 -17.18 10.46 -29.53
C ASP B 26 -16.46 9.23 -28.99
N ASP B 27 -15.37 8.79 -29.62
CA ASP B 27 -14.61 7.63 -29.16
C ASP B 27 -13.13 7.96 -29.04
N ARG B 28 -12.79 9.26 -29.03
CA ARG B 28 -11.41 9.71 -29.03
C ARG B 28 -10.74 9.52 -27.68
N THR B 29 -11.48 9.57 -26.58
CA THR B 29 -10.85 9.48 -25.28
C THR B 29 -10.54 8.02 -24.94
N TRP B 30 -9.45 7.80 -24.20
CA TRP B 30 -8.96 6.45 -23.93
C TRP B 30 -7.97 6.36 -22.76
N ASN B 31 -7.28 7.45 -22.46
CA ASN B 31 -6.09 7.37 -21.61
C ASN B 31 -6.49 7.19 -20.14
N PRO B 32 -5.78 6.33 -19.40
CA PRO B 32 -6.18 6.06 -18.01
C PRO B 32 -5.96 7.25 -17.08
N ASN B 33 -4.87 7.98 -17.28
CA ASN B 33 -4.58 9.12 -16.41
C ASN B 33 -5.50 10.30 -16.70
N THR B 34 -5.79 10.58 -17.97
CA THR B 34 -6.72 11.67 -18.22
C THR B 34 -8.13 11.26 -17.82
N SER B 35 -8.45 9.95 -17.89
CA SER B 35 -9.76 9.48 -17.42
C SER B 35 -9.98 9.77 -15.94
N LYS B 36 -8.93 9.76 -15.12
CA LYS B 36 -9.07 10.13 -13.71
C LYS B 36 -9.72 11.51 -13.56
N THR B 37 -9.23 12.49 -14.32
CA THR B 37 -9.75 13.85 -14.25
C THR B 37 -11.11 13.98 -14.95
N ARG B 38 -11.28 13.34 -16.10
CA ARG B 38 -12.59 13.35 -16.76
C ARG B 38 -13.66 12.78 -15.82
N LEU B 39 -13.35 11.68 -15.12
CA LEU B 39 -14.31 11.10 -14.18
C LEU B 39 -14.57 12.02 -13.00
N THR B 40 -13.52 12.66 -12.47
CA THR B 40 -13.70 13.58 -11.36
C THR B 40 -14.61 14.73 -11.76
N LEU B 41 -14.40 15.30 -12.96
CA LEU B 41 -15.25 16.39 -13.44
C LEU B 41 -16.69 15.94 -13.55
N THR B 42 -16.92 14.76 -14.12
CA THR B 42 -18.30 14.32 -14.34
CA THR B 42 -18.28 14.26 -14.35
C THR B 42 -18.95 13.92 -13.02
N TYR B 43 -18.20 13.30 -12.10
CA TYR B 43 -18.74 13.04 -10.78
C TYR B 43 -19.20 14.32 -10.08
N LYS B 44 -18.39 15.38 -10.16
CA LYS B 44 -18.76 16.64 -9.54
C LYS B 44 -19.79 17.42 -10.36
N ARG B 45 -20.18 16.89 -11.52
CA ARG B 45 -21.18 17.52 -12.39
C ARG B 45 -20.72 18.90 -12.84
N LEU B 46 -19.43 19.01 -13.18
CA LEU B 46 -18.88 20.27 -13.67
C LEU B 46 -18.81 20.24 -15.20
N PRO B 47 -19.29 21.27 -15.88
CA PRO B 47 -19.24 21.27 -17.35
C PRO B 47 -17.83 21.55 -17.86
N TYR B 48 -17.47 20.88 -18.94
CA TYR B 48 -16.14 21.02 -19.50
C TYR B 48 -16.21 20.80 -21.01
N LYS B 49 -15.20 21.32 -21.71
CA LYS B 49 -14.97 20.97 -23.11
C LYS B 49 -13.60 20.32 -23.22
N THR B 50 -13.43 19.44 -24.21
CA THR B 50 -12.16 18.75 -24.39
C THR B 50 -11.35 19.43 -25.49
N ILE B 51 -10.07 19.70 -25.20
CA ILE B 51 -9.09 20.14 -26.18
C ILE B 51 -8.09 19.00 -26.36
N TRP B 52 -7.96 18.52 -27.59
CA TRP B 52 -7.15 17.35 -27.90
C TRP B 52 -5.69 17.76 -28.12
N VAL B 53 -4.77 17.01 -27.51
CA VAL B 53 -3.35 17.28 -27.63
C VAL B 53 -2.64 15.96 -27.86
N GLU B 54 -1.88 15.85 -28.95
CA GLU B 54 -1.07 14.67 -29.20
C GLU B 54 0.13 14.64 -28.28
N TYR B 55 0.61 13.43 -27.95
CA TYR B 55 1.75 13.24 -27.05
C TYR B 55 2.92 14.19 -27.31
N PRO B 56 3.45 14.32 -28.53
CA PRO B 56 4.66 15.16 -28.71
C PRO B 56 4.40 16.64 -28.53
N ASP B 57 3.14 17.09 -28.45
CA ASP B 57 2.81 18.50 -28.30
C ASP B 57 2.45 18.87 -26.86
N ILE B 58 2.49 17.91 -25.93
CA ILE B 58 2.00 18.17 -24.58
C ILE B 58 2.88 19.22 -23.89
N GLU B 59 4.20 19.12 -24.02
CA GLU B 59 5.06 20.08 -23.36
C GLU B 59 4.82 21.50 -23.87
N ARG B 60 4.76 21.68 -25.19
CA ARG B 60 4.60 23.03 -25.69
C ARG B 60 3.21 23.59 -25.36
N VAL B 61 2.18 22.74 -25.34
CA VAL B 61 0.86 23.21 -24.92
C VAL B 61 0.88 23.62 -23.46
N CYS B 62 1.47 22.78 -22.60
CA CYS B 62 1.55 23.10 -21.18
C CYS B 62 2.25 24.43 -20.95
N LYS B 63 3.40 24.62 -21.60
CA LYS B 63 4.12 25.89 -21.43
C LYS B 63 3.31 27.07 -21.94
N GLU B 64 2.54 26.89 -23.02
CA GLU B 64 1.74 27.99 -23.55
C GLU B 64 0.67 28.42 -22.55
N ILE B 65 -0.01 27.45 -21.92
CA ILE B 65 -1.14 27.75 -21.04
C ILE B 65 -0.73 27.87 -19.57
N GLY B 66 0.55 27.66 -19.25
CA GLY B 66 1.00 27.85 -17.88
C GLY B 66 0.77 26.67 -16.97
N ALA B 67 0.82 25.45 -17.50
CA ALA B 67 0.66 24.25 -16.70
C ALA B 67 2.01 23.84 -16.16
N GLU B 68 2.07 23.56 -14.86
CA GLU B 68 3.29 23.06 -14.27
C GLU B 68 3.60 21.66 -14.80
N PRO B 69 4.87 21.28 -14.85
CA PRO B 69 5.20 19.87 -15.06
C PRO B 69 4.70 19.04 -13.89
N SER B 70 4.49 17.75 -14.15
CA SER B 70 3.90 16.85 -13.16
C SER B 70 4.92 15.94 -12.52
N ALA B 71 6.16 15.93 -13.00
CA ALA B 71 7.24 15.15 -12.41
C ALA B 71 8.55 15.69 -12.94
N PHE B 72 9.65 15.16 -12.41
CA PHE B 72 10.99 15.62 -12.76
C PHE B 72 11.88 14.40 -12.99
N GLY B 73 12.32 14.22 -14.24
CA GLY B 73 13.26 13.17 -14.56
C GLY B 73 12.68 11.83 -14.91
N LEU B 74 11.38 11.78 -15.27
CA LEU B 74 10.78 10.49 -15.63
C LEU B 74 11.22 10.02 -17.01
N LEU B 75 11.58 10.96 -17.89
CA LEU B 75 12.04 10.66 -19.24
C LEU B 75 13.54 10.84 -19.40
N LYS B 76 14.05 12.04 -19.09
CA LYS B 76 15.48 12.32 -19.04
C LYS B 76 15.82 12.98 -17.71
N GLU B 77 17.02 12.67 -17.20
CA GLU B 77 17.32 12.87 -15.79
C GLU B 77 17.09 14.31 -15.33
N GLY B 78 17.82 15.25 -15.92
CA GLY B 78 17.67 16.65 -15.53
C GLY B 78 16.75 17.42 -16.46
N LYS B 79 15.45 17.19 -16.34
CA LYS B 79 14.49 17.70 -17.32
C LYS B 79 13.06 17.59 -16.79
N PRO B 80 12.34 18.72 -16.67
CA PRO B 80 10.95 18.65 -16.21
C PRO B 80 10.08 17.85 -17.18
N TYR B 81 9.13 17.09 -16.62
CA TYR B 81 8.26 16.21 -17.38
C TYR B 81 6.84 16.77 -17.37
N TYR B 82 6.32 17.09 -18.56
CA TYR B 82 4.95 17.57 -18.72
C TYR B 82 4.02 16.43 -19.16
N SER B 83 2.83 16.39 -18.58
CA SER B 83 1.88 15.35 -18.94
C SER B 83 0.47 15.90 -18.85
N LEU B 84 -0.43 15.23 -19.51
CA LEU B 84 -1.86 15.39 -19.34
C LEU B 84 -2.38 14.33 -18.38
N PRO B 85 -3.52 14.55 -17.69
CA PRO B 85 -4.47 15.65 -17.82
C PRO B 85 -4.02 17.00 -17.28
N VAL B 86 -4.58 18.03 -17.89
CA VAL B 86 -4.50 19.41 -17.43
C VAL B 86 -5.90 19.98 -17.53
N ILE B 87 -6.27 20.83 -16.58
CA ILE B 87 -7.44 21.67 -16.76
C ILE B 87 -7.00 23.12 -16.66
N HIS B 88 -7.70 23.98 -17.41
CA HIS B 88 -7.70 25.42 -17.15
C HIS B 88 -9.11 25.82 -16.77
N ASP B 89 -9.27 26.39 -15.59
CA ASP B 89 -10.57 26.82 -15.12
C ASP B 89 -10.71 28.32 -15.36
N PRO B 90 -11.45 28.75 -16.39
CA PRO B 90 -11.58 30.20 -16.64
C PRO B 90 -12.35 30.92 -15.57
N ASN B 91 -13.09 30.19 -14.72
CA ASN B 91 -13.83 30.84 -13.66
C ASN B 91 -12.90 31.42 -12.60
N THR B 92 -11.68 30.91 -12.52
CA THR B 92 -10.66 31.40 -11.61
C THR B 92 -9.38 31.84 -12.31
N GLY B 93 -9.22 31.50 -13.59
CA GLY B 93 -7.98 31.78 -14.29
C GLY B 93 -6.83 30.86 -13.91
N THR B 94 -7.13 29.67 -13.40
CA THR B 94 -6.13 28.75 -12.86
C THR B 94 -5.96 27.56 -13.79
N THR B 95 -4.73 27.21 -14.11
CA THR B 95 -4.46 25.96 -14.78
C THR B 95 -3.73 25.03 -13.82
N ILE B 96 -4.10 23.76 -13.88
CA ILE B 96 -3.65 22.76 -12.91
C ILE B 96 -3.28 21.49 -13.64
N SER B 97 -2.12 20.93 -13.34
CA SER B 97 -1.71 19.65 -13.90
C SER B 97 -1.58 18.63 -12.79
N ASP B 98 -1.51 17.35 -13.19
CA ASP B 98 -1.49 16.17 -12.31
C ASP B 98 -2.88 15.92 -11.73
N SER B 99 -3.43 14.73 -11.97
CA SER B 99 -4.82 14.46 -11.63
C SER B 99 -5.08 14.58 -10.12
N ILE B 100 -4.08 14.27 -9.29
CA ILE B 100 -4.27 14.45 -7.85
C ILE B 100 -4.39 15.93 -7.51
N ARG B 101 -3.55 16.77 -8.13
CA ARG B 101 -3.64 18.21 -7.87
C ARG B 101 -4.91 18.80 -8.46
N ILE B 102 -5.37 18.28 -9.59
CA ILE B 102 -6.66 18.71 -10.13
C ILE B 102 -7.80 18.33 -9.20
N ALA B 103 -7.74 17.14 -8.61
CA ALA B 103 -8.81 16.72 -7.71
C ALA B 103 -8.86 17.62 -6.47
N ARG B 104 -7.69 17.94 -5.91
CA ARG B 104 -7.64 18.88 -4.77
C ARG B 104 -8.20 20.24 -5.16
N TYR B 105 -7.80 20.75 -6.34
CA TYR B 105 -8.29 22.05 -6.79
C TYR B 105 -9.81 22.03 -6.92
N LEU B 106 -10.35 20.97 -7.53
CA LEU B 106 -11.80 20.91 -7.72
C LEU B 106 -12.53 20.77 -6.38
N ASP B 107 -11.97 20.00 -5.44
CA ASP B 107 -12.58 19.92 -4.11
C ASP B 107 -12.67 21.31 -3.48
N LYS B 108 -11.58 22.08 -3.53
CA LYS B 108 -11.52 23.35 -2.81
C LYS B 108 -12.30 24.45 -3.51
N THR B 109 -12.25 24.49 -4.84
CA THR B 109 -12.91 25.55 -5.59
C THR B 109 -14.41 25.33 -5.68
N TYR B 110 -14.86 24.08 -5.61
CA TYR B 110 -16.27 23.73 -5.72
C TYR B 110 -16.69 22.92 -4.50
N PRO B 111 -16.75 23.56 -3.33
CA PRO B 111 -16.94 22.80 -2.07
C PRO B 111 -18.31 22.17 -1.95
N ASP B 112 -19.30 22.61 -2.71
CA ASP B 112 -20.61 21.99 -2.67
C ASP B 112 -20.70 20.77 -3.57
N THR B 113 -19.63 20.40 -4.25
CA THR B 113 -19.59 19.12 -4.93
C THR B 113 -18.99 18.08 -3.99
N PRO B 114 -19.26 16.78 -4.21
CA PRO B 114 -18.77 15.77 -3.27
C PRO B 114 -17.24 15.74 -3.24
N ALA B 115 -16.70 15.87 -2.03
CA ALA B 115 -15.26 15.90 -1.85
C ALA B 115 -14.67 14.55 -2.23
N VAL B 116 -13.55 14.58 -2.92
CA VAL B 116 -12.95 13.37 -3.44
C VAL B 116 -11.62 13.05 -2.76
N ILE B 117 -10.90 14.06 -2.27
CA ILE B 117 -9.63 13.81 -1.61
C ILE B 117 -9.53 14.68 -0.36
N PRO B 118 -10.23 14.30 0.71
CA PRO B 118 -10.07 15.02 1.99
C PRO B 118 -8.68 14.78 2.58
N ALA B 119 -8.30 15.64 3.52
CA ALA B 119 -6.96 15.59 4.08
C ALA B 119 -6.65 14.22 4.68
N GLU B 120 -7.63 13.60 5.32
CA GLU B 120 -7.39 12.32 5.99
C GLU B 120 -7.13 11.19 5.00
N LEU B 121 -7.38 11.39 3.70
CA LEU B 121 -7.10 10.38 2.69
C LEU B 121 -5.69 10.47 2.11
N GLU B 122 -5.01 11.62 2.25
CA GLU B 122 -3.87 11.93 1.40
C GLU B 122 -2.74 10.91 1.55
N ALA B 123 -2.38 10.55 2.77
CA ALA B 123 -1.27 9.61 2.95
C ALA B 123 -1.66 8.22 2.49
N PHE B 124 -2.86 7.77 2.85
CA PHE B 124 -3.27 6.43 2.46
C PHE B 124 -3.45 6.32 0.95
N HIS B 125 -3.86 7.40 0.29
CA HIS B 125 -3.98 7.30 -1.17
C HIS B 125 -2.61 7.27 -1.82
N ALA B 126 -1.64 7.99 -1.26
CA ALA B 126 -0.26 7.87 -1.72
C ALA B 126 0.27 6.46 -1.54
N VAL B 127 -0.01 5.85 -0.38
CA VAL B 127 0.30 4.43 -0.20
C VAL B 127 -0.31 3.61 -1.33
N PHE B 128 -1.61 3.79 -1.55
CA PHE B 128 -2.31 3.06 -2.60
C PHE B 128 -1.65 3.22 -3.98
N GLU B 129 -1.26 4.44 -4.37
CA GLU B 129 -0.67 4.59 -5.70
C GLU B 129 0.56 3.71 -5.87
N ASP B 130 1.37 3.57 -4.82
CA ASP B 130 2.55 2.72 -4.94
C ASP B 130 2.18 1.23 -4.92
N ALA B 131 1.25 0.83 -4.04
CA ALA B 131 0.78 -0.55 -4.08
C ALA B 131 0.13 -0.86 -5.42
N PHE B 132 -0.69 0.06 -5.93
CA PHE B 132 -1.33 -0.14 -7.23
C PHE B 132 -0.30 -0.23 -8.35
N TRP B 133 0.77 0.56 -8.26
CA TRP B 133 1.82 0.51 -9.28
C TRP B 133 2.36 -0.91 -9.42
N ASP B 134 2.74 -1.52 -8.29
CA ASP B 134 3.32 -2.86 -8.33
C ASP B 134 2.26 -3.91 -8.62
N THR B 135 1.07 -3.76 -8.04
CA THR B 135 0.09 -4.83 -8.07
C THR B 135 -0.70 -4.89 -9.36
N ILE B 136 -1.05 -3.72 -9.92
CA ILE B 136 -1.90 -3.64 -11.11
C ILE B 136 -1.17 -3.06 -12.31
N PHE B 137 -0.56 -1.88 -12.15
CA PHE B 137 -0.02 -1.18 -13.31
C PHE B 137 1.05 -2.03 -14.01
N MET B 138 1.98 -2.58 -13.25
CA MET B 138 3.08 -3.34 -13.86
C MET B 138 2.59 -4.58 -14.60
N PRO B 139 1.71 -5.43 -14.04
CA PRO B 139 1.16 -6.53 -14.85
C PRO B 139 0.22 -6.07 -15.95
N LEU B 140 -0.40 -4.90 -15.80
CA LEU B 140 -1.31 -4.39 -16.84
C LEU B 140 -0.55 -3.84 -18.04
N PHE B 141 0.61 -3.22 -17.79
CA PHE B 141 1.38 -2.54 -18.82
C PHE B 141 1.59 -3.35 -20.09
N PRO B 142 2.03 -4.61 -20.05
CA PRO B 142 2.25 -5.35 -21.30
C PRO B 142 0.98 -5.67 -22.07
N PHE B 143 -0.21 -5.47 -21.49
CA PHE B 143 -1.46 -5.61 -22.20
C PHE B 143 -1.98 -4.29 -22.74
N LEU B 144 -2.06 -3.27 -21.87
CA LEU B 144 -2.67 -2.01 -22.27
C LEU B 144 -1.80 -1.26 -23.26
N VAL B 145 -0.48 -1.22 -23.03
CA VAL B 145 0.38 -0.39 -23.87
C VAL B 145 0.44 -0.93 -25.30
N PRO B 146 0.65 -2.23 -25.52
CA PRO B 146 0.68 -2.71 -26.92
C PRO B 146 -0.67 -2.62 -27.59
N ALA B 147 -1.76 -2.69 -26.83
CA ALA B 147 -3.10 -2.55 -27.41
C ALA B 147 -3.41 -1.10 -27.78
N ALA B 148 -3.00 -0.15 -26.95
CA ALA B 148 -3.31 1.26 -27.21
C ALA B 148 -2.43 1.85 -28.32
N CYS B 149 -1.16 1.46 -28.36
CA CYS B 149 -0.19 2.11 -29.26
C CYS B 149 -0.65 2.19 -30.71
N PRO B 150 -1.08 1.11 -31.37
CA PRO B 150 -1.50 1.25 -32.78
C PRO B 150 -2.81 2.00 -32.97
N GLN B 151 -3.60 2.22 -31.91
CA GLN B 151 -4.82 3.01 -32.02
C GLN B 151 -4.56 4.51 -32.04
N LEU B 152 -3.34 4.94 -31.74
CA LEU B 152 -3.01 6.36 -31.65
C LEU B 152 -2.81 6.96 -33.05
N ASN B 153 -3.01 8.28 -33.14
CA ASN B 153 -2.68 8.97 -34.39
C ASN B 153 -1.18 8.87 -34.63
N PRO B 154 -0.75 8.88 -35.91
CA PRO B 154 0.66 8.60 -36.22
C PRO B 154 1.68 9.39 -35.41
N ARG B 155 1.47 10.69 -35.18
CA ARG B 155 2.46 11.45 -34.43
C ARG B 155 2.54 10.96 -32.99
N SER B 156 1.41 10.55 -32.41
CA SER B 156 1.44 9.99 -31.06
C SER B 156 1.94 8.55 -31.06
N GLU B 157 1.59 7.76 -32.07
CA GLU B 157 2.05 6.38 -32.12
CA GLU B 157 2.05 6.38 -32.11
C GLU B 157 3.57 6.31 -32.05
N ALA B 158 4.25 7.11 -32.89
CA ALA B 158 5.71 7.06 -32.90
C ALA B 158 6.30 7.48 -31.55
N TYR B 159 5.77 8.55 -30.98
CA TYR B 159 6.25 9.00 -29.68
C TYR B 159 6.00 7.95 -28.60
N PHE B 160 4.75 7.48 -28.53
CA PHE B 160 4.37 6.50 -27.51
C PHE B 160 5.23 5.25 -27.59
N ARG B 161 5.40 4.71 -28.81
CA ARG B 161 6.18 3.47 -28.95
C ARG B 161 7.63 3.69 -28.52
N GLU B 162 8.22 4.80 -28.96
CA GLU B 162 9.61 5.08 -28.64
C GLU B 162 9.83 5.26 -27.15
N THR B 163 8.94 6.01 -26.48
CA THR B 163 9.15 6.28 -25.06
C THR B 163 8.85 5.06 -24.21
N ARG B 164 7.80 4.30 -24.55
CA ARG B 164 7.41 3.17 -23.70
C ARG B 164 8.34 1.98 -23.89
N GLU B 165 8.79 1.73 -25.13
CA GLU B 165 9.77 0.67 -25.36
C GLU B 165 11.12 1.05 -24.75
N GLY B 166 11.52 2.32 -24.87
CA GLY B 166 12.77 2.75 -24.26
C GLY B 166 12.79 2.56 -22.75
N LYS B 167 11.64 2.68 -22.10
CA LYS B 167 11.60 2.65 -20.65
C LYS B 167 11.37 1.25 -20.08
N PHE B 168 10.56 0.41 -20.74
CA PHE B 168 10.26 -0.91 -20.21
C PHE B 168 10.62 -2.06 -21.15
N GLY B 169 11.13 -1.76 -22.34
CA GLY B 169 11.33 -2.82 -23.32
C GLY B 169 12.38 -3.84 -22.91
N SER B 170 13.43 -3.40 -22.23
CA SER B 170 14.52 -4.31 -21.89
C SER B 170 14.04 -5.42 -20.95
N ILE B 171 13.20 -5.08 -19.97
CA ILE B 171 12.70 -6.09 -19.03
C ILE B 171 11.49 -6.85 -19.55
N LEU B 172 10.99 -6.54 -20.74
CA LEU B 172 9.77 -7.16 -21.25
C LEU B 172 9.97 -7.94 -22.54
N GLY B 173 11.16 -7.96 -23.12
CA GLY B 173 11.41 -8.65 -24.37
C GLY B 173 11.69 -7.77 -25.57
N GLY B 174 11.88 -6.46 -25.37
CA GLY B 174 12.24 -5.57 -26.47
C GLY B 174 11.05 -4.86 -27.07
N LYS B 175 10.80 -5.09 -28.35
CA LYS B 175 9.66 -4.48 -29.03
C LYS B 175 8.35 -4.94 -28.40
N MET B 176 7.32 -4.09 -28.50
CA MET B 176 6.05 -4.35 -27.84
C MET B 176 5.44 -5.68 -28.27
N GLU B 177 5.67 -6.07 -29.53
CA GLU B 177 5.11 -7.31 -30.03
C GLU B 177 5.63 -8.53 -29.26
N ASN B 178 6.77 -8.40 -28.59
CA ASN B 178 7.33 -9.48 -27.79
C ASN B 178 6.86 -9.47 -26.35
N TRP B 179 6.02 -8.51 -25.95
CA TRP B 179 5.71 -8.38 -24.53
C TRP B 179 4.74 -9.45 -24.08
N ALA B 180 3.66 -9.67 -24.83
CA ALA B 180 2.65 -10.65 -24.47
C ALA B 180 2.09 -11.30 -25.73
N PRO B 181 2.95 -11.91 -26.54
CA PRO B 181 2.47 -12.57 -27.77
C PRO B 181 1.51 -13.70 -27.46
N THR B 182 0.50 -13.85 -28.31
CA THR B 182 -0.45 -14.95 -28.19
C THR B 182 0.30 -16.27 -28.06
N GLY B 183 -0.07 -17.06 -27.05
CA GLY B 183 0.68 -18.24 -26.69
C GLY B 183 1.01 -18.24 -25.20
N PRO B 184 1.98 -19.06 -24.80
CA PRO B 184 2.25 -19.23 -23.35
C PRO B 184 2.68 -17.95 -22.64
N VAL B 185 3.38 -17.04 -23.32
CA VAL B 185 3.80 -15.80 -22.68
C VAL B 185 2.61 -14.95 -22.31
N ARG B 186 1.67 -14.78 -23.26
CA ARG B 186 0.45 -14.04 -22.94
C ARG B 186 -0.33 -14.74 -21.84
N ASP B 187 -0.38 -16.08 -21.86
CA ASP B 187 -1.08 -16.81 -20.81
C ASP B 187 -0.47 -16.52 -19.43
N ASP B 188 0.85 -16.59 -19.33
CA ASP B 188 1.51 -16.33 -18.05
C ASP B 188 1.23 -14.91 -17.58
N ARG B 189 1.40 -13.93 -18.46
CA ARG B 189 1.18 -12.54 -18.06
C ARG B 189 -0.27 -12.28 -17.72
N TRP B 190 -1.21 -12.94 -18.41
CA TRP B 190 -2.62 -12.72 -18.14
C TRP B 190 -3.01 -13.27 -16.78
N LYS B 191 -2.42 -14.40 -16.40
CA LYS B 191 -2.67 -14.93 -15.06
C LYS B 191 -2.09 -14.00 -13.99
N ALA B 192 -0.92 -13.43 -14.26
CA ALA B 192 -0.34 -12.46 -13.32
C ALA B 192 -1.25 -11.25 -13.15
N LEU B 193 -1.85 -10.77 -14.24
CA LEU B 193 -2.77 -9.64 -14.14
C LEU B 193 -4.00 -9.99 -13.32
N GLN B 194 -4.60 -11.16 -13.57
CA GLN B 194 -5.74 -11.59 -12.77
C GLN B 194 -5.36 -11.73 -11.30
N ALA B 195 -4.14 -12.23 -11.02
CA ALA B 195 -3.69 -12.35 -9.63
C ALA B 195 -3.60 -10.98 -8.96
N GLY B 196 -3.15 -9.97 -9.70
CA GLY B 196 -3.08 -8.64 -9.13
C GLY B 196 -4.44 -8.07 -8.79
N PHE B 197 -5.42 -8.24 -9.69
CA PHE B 197 -6.76 -7.76 -9.37
C PHE B 197 -7.33 -8.47 -8.16
N THR B 198 -7.01 -9.76 -7.98
CA THR B 198 -7.53 -10.49 -6.82
C THR B 198 -6.91 -9.99 -5.53
N LYS B 199 -5.62 -9.65 -5.58
CA LYS B 199 -4.97 -8.99 -4.43
C LYS B 199 -5.66 -7.67 -4.11
N MET B 200 -5.98 -6.87 -5.14
CA MET B 200 -6.65 -5.59 -4.89
C MET B 200 -8.06 -5.80 -4.36
N ALA B 201 -8.77 -6.81 -4.87
CA ALA B 201 -10.08 -7.08 -4.30
C ALA B 201 -9.95 -7.55 -2.85
N GLY B 202 -8.87 -8.27 -2.54
CA GLY B 202 -8.65 -8.70 -1.16
C GLY B 202 -8.43 -7.55 -0.20
N TRP B 203 -7.86 -6.44 -0.67
CA TRP B 203 -7.79 -5.24 0.16
C TRP B 203 -9.19 -4.79 0.55
N LEU B 204 -10.10 -4.76 -0.43
CA LEU B 204 -11.44 -4.27 -0.16
C LEU B 204 -12.20 -5.21 0.76
N SER B 205 -11.91 -6.52 0.68
CA SER B 205 -12.62 -7.49 1.50
C SER B 205 -11.86 -7.85 2.78
N ALA B 206 -10.83 -7.08 3.13
CA ALA B 206 -9.92 -7.49 4.21
C ALA B 206 -10.65 -7.71 5.52
N ASP B 207 -11.73 -6.98 5.76
CA ASP B 207 -12.47 -7.12 7.02
C ASP B 207 -13.47 -8.27 7.00
N GLY B 208 -13.47 -9.09 5.94
CA GLY B 208 -14.41 -10.19 5.79
C GLY B 208 -15.73 -9.82 5.13
N GLN B 209 -15.96 -8.54 4.82
CA GLN B 209 -17.15 -8.04 4.15
C GLN B 209 -16.79 -7.67 2.72
N GLU B 210 -17.73 -7.05 2.00
CA GLU B 210 -17.53 -6.73 0.59
C GLU B 210 -17.94 -5.27 0.32
N ARG B 211 -17.28 -4.33 1.00
CA ARG B 211 -17.60 -2.93 0.83
C ARG B 211 -17.47 -2.54 -0.64
N PRO B 212 -18.31 -1.61 -1.11
CA PRO B 212 -18.28 -1.25 -2.53
C PRO B 212 -17.13 -0.30 -2.88
N PHE B 213 -16.65 0.46 -1.89
CA PHE B 213 -15.57 1.42 -2.10
C PHE B 213 -14.58 1.33 -0.94
N PHE B 214 -13.38 1.87 -1.16
CA PHE B 214 -12.30 1.71 -0.18
C PHE B 214 -12.71 2.19 1.21
N MET B 215 -13.37 3.33 1.31
CA MET B 215 -13.74 3.81 2.64
C MET B 215 -14.96 3.12 3.21
N GLY B 216 -15.67 2.32 2.44
CA GLY B 216 -16.92 1.73 2.87
C GLY B 216 -18.04 2.07 1.91
N GLU B 217 -19.07 2.77 2.38
CA GLU B 217 -20.20 3.09 1.52
C GLU B 217 -19.94 4.30 0.62
N LYS B 218 -18.95 5.12 0.96
CA LYS B 218 -18.70 6.40 0.32
C LYS B 218 -17.50 6.30 -0.64
N LEU B 219 -17.72 6.70 -1.89
CA LEU B 219 -16.66 6.72 -2.90
C LEU B 219 -15.68 7.85 -2.65
N CYS B 220 -14.42 7.65 -3.03
CA CYS B 220 -13.43 8.71 -2.92
C CYS B 220 -12.49 8.64 -4.12
N TYR B 221 -11.46 9.49 -4.12
CA TYR B 221 -10.56 9.55 -5.27
C TYR B 221 -9.94 8.20 -5.60
N THR B 222 -9.65 7.37 -4.60
CA THR B 222 -8.92 6.16 -4.98
C THR B 222 -9.83 5.18 -5.71
N ASP B 223 -11.15 5.18 -5.43
CA ASP B 223 -12.07 4.42 -6.27
C ASP B 223 -12.10 4.95 -7.70
N ILE B 224 -12.07 6.28 -7.84
CA ILE B 224 -12.05 6.91 -9.17
C ILE B 224 -10.81 6.48 -9.93
N VAL B 225 -9.67 6.38 -9.25
CA VAL B 225 -8.44 5.95 -9.90
C VAL B 225 -8.61 4.54 -10.47
N VAL B 226 -9.13 3.61 -9.67
CA VAL B 226 -9.27 2.25 -10.17
C VAL B 226 -10.26 2.20 -11.33
N GLY B 227 -11.37 2.93 -11.20
CA GLY B 227 -12.33 2.98 -12.29
C GLY B 227 -11.76 3.59 -13.56
N ALA B 228 -10.92 4.62 -13.42
CA ALA B 228 -10.27 5.22 -14.59
C ALA B 228 -9.39 4.20 -15.32
N TRP B 229 -8.64 3.37 -14.58
CA TRP B 229 -7.82 2.36 -15.23
C TRP B 229 -8.69 1.31 -15.91
N LEU B 230 -9.78 0.92 -15.27
CA LEU B 230 -10.69 -0.07 -15.86
C LEU B 230 -11.36 0.48 -17.12
N ILE B 231 -11.82 1.73 -17.08
CA ILE B 231 -12.47 2.32 -18.26
C ILE B 231 -11.49 2.43 -19.41
N SER B 232 -10.23 2.77 -19.12
CA SER B 232 -9.22 2.80 -20.17
C SER B 232 -9.07 1.43 -20.83
N VAL B 233 -8.95 0.37 -20.03
CA VAL B 233 -8.82 -0.97 -20.60
C VAL B 233 -10.03 -1.30 -21.48
N LYS B 234 -11.23 -1.04 -20.95
CA LYS B 234 -12.46 -1.32 -21.69
C LYS B 234 -12.52 -0.52 -23.00
N LYS B 235 -12.15 0.77 -22.95
CA LYS B 235 -12.20 1.59 -24.15
C LYS B 235 -11.16 1.14 -25.17
N VAL B 236 -9.99 0.73 -24.70
CA VAL B 236 -8.93 0.30 -25.61
C VAL B 236 -9.23 -1.09 -26.18
N PHE B 237 -9.56 -2.04 -25.31
CA PHE B 237 -9.81 -3.40 -25.80
C PHE B 237 -11.14 -3.51 -26.53
N GLY B 238 -12.14 -2.74 -26.11
CA GLY B 238 -13.47 -2.86 -26.68
C GLY B 238 -14.40 -3.61 -25.76
N SER B 239 -15.67 -3.20 -25.70
CA SER B 239 -16.55 -3.74 -24.67
C SER B 239 -16.95 -5.19 -24.94
N ASP B 240 -16.71 -5.70 -26.14
CA ASP B 240 -17.00 -7.09 -26.49
C ASP B 240 -15.74 -7.93 -26.63
N HIS B 241 -14.57 -7.37 -26.40
CA HIS B 241 -13.34 -8.13 -26.50
C HIS B 241 -13.34 -9.26 -25.47
N PRO B 242 -12.99 -10.49 -25.86
CA PRO B 242 -13.06 -11.60 -24.90
C PRO B 242 -12.16 -11.41 -23.69
N GLU B 243 -11.08 -10.64 -23.81
CA GLU B 243 -10.25 -10.38 -22.64
C GLU B 243 -10.92 -9.38 -21.70
N TRP B 244 -11.61 -8.37 -22.25
CA TRP B 244 -12.38 -7.47 -21.38
C TRP B 244 -13.55 -8.21 -20.74
N LEU B 245 -14.19 -9.12 -21.47
CA LEU B 245 -15.31 -9.85 -20.90
C LEU B 245 -14.88 -10.68 -19.69
N GLN B 246 -13.64 -11.17 -19.70
CA GLN B 246 -13.14 -11.89 -18.53
C GLN B 246 -12.97 -10.97 -17.33
N VAL B 247 -12.41 -9.77 -17.54
CA VAL B 247 -12.24 -8.82 -16.45
C VAL B 247 -13.57 -8.52 -15.78
N GLU B 248 -14.66 -8.47 -16.57
CA GLU B 248 -15.97 -8.22 -15.99
C GLU B 248 -16.40 -9.31 -15.02
N LYS B 249 -15.86 -10.52 -15.13
CA LYS B 249 -16.25 -11.59 -14.22
C LYS B 249 -15.25 -11.80 -13.08
N TRP B 250 -14.03 -11.27 -13.20
CA TRP B 250 -13.01 -11.44 -12.18
C TRP B 250 -13.53 -11.01 -10.82
N ASP B 251 -13.09 -11.72 -9.77
CA ASP B 251 -13.37 -11.36 -8.39
C ASP B 251 -14.86 -11.10 -8.15
N GLY B 252 -15.68 -12.04 -8.63
CA GLY B 252 -17.12 -11.97 -8.40
C GLY B 252 -17.81 -10.79 -9.03
N GLY B 253 -17.23 -10.20 -10.08
CA GLY B 253 -17.84 -9.07 -10.73
C GLY B 253 -17.55 -7.72 -10.10
N ARG B 254 -16.64 -7.66 -9.13
CA ARG B 254 -16.38 -6.38 -8.44
C ARG B 254 -16.01 -5.29 -9.43
N TRP B 255 -15.17 -5.60 -10.43
CA TRP B 255 -14.69 -4.55 -11.32
C TRP B 255 -15.77 -4.13 -12.32
N SER B 256 -16.63 -5.06 -12.75
CA SER B 256 -17.74 -4.64 -13.58
C SER B 256 -18.69 -3.73 -12.80
N ARG B 257 -18.90 -4.00 -11.52
CA ARG B 257 -19.74 -3.12 -10.70
C ARG B 257 -19.11 -1.73 -10.56
N LEU B 258 -17.79 -1.66 -10.34
CA LEU B 258 -17.16 -0.35 -10.25
C LEU B 258 -17.25 0.41 -11.55
N VAL B 259 -17.09 -0.29 -12.69
CA VAL B 259 -17.21 0.36 -13.99
C VAL B 259 -18.61 0.92 -14.16
N GLN B 260 -19.62 0.14 -13.76
CA GLN B 260 -21.00 0.63 -13.80
C GLN B 260 -21.15 1.92 -13.00
N VAL B 261 -20.55 2.00 -11.82
CA VAL B 261 -20.64 3.22 -11.02
C VAL B 261 -20.07 4.42 -11.78
N VAL B 262 -18.81 4.31 -12.23
CA VAL B 262 -18.17 5.50 -12.80
C VAL B 262 -18.75 5.85 -14.16
N GLU B 263 -19.24 4.87 -14.92
CA GLU B 263 -19.91 5.18 -16.17
C GLU B 263 -21.21 5.94 -15.93
N ASN B 264 -21.79 5.80 -14.74
CA ASN B 264 -23.06 6.40 -14.36
C ASN B 264 -22.93 7.77 -13.72
N PHE B 265 -21.71 8.31 -13.59
CA PHE B 265 -21.52 9.64 -13.01
C PHE B 265 -22.32 10.69 -13.77
C1 EDO C . 6.95 -13.83 11.72
O1 EDO C . 8.05 -13.77 10.80
C2 EDO C . 7.51 -13.52 13.09
O2 EDO C . 7.88 -14.76 13.62
C1 EDO D . 27.16 -11.03 7.37
O1 EDO D . 28.41 -11.73 7.23
C2 EDO D . 26.86 -10.69 8.83
O2 EDO D . 26.18 -9.44 8.91
C1 EDO E . 31.39 -12.68 3.37
O1 EDO E . 31.06 -12.34 2.01
C2 EDO E . 30.28 -13.54 3.96
O2 EDO E . 30.41 -13.51 5.38
C1 EDO F . 17.89 3.22 25.14
O1 EDO F . 19.01 2.77 25.92
C2 EDO F . 16.73 2.25 25.34
O2 EDO F . 15.71 2.48 24.37
C1 EDO G . 0.83 -10.85 13.41
O1 EDO G . 0.37 -12.21 13.46
C2 EDO G . 1.63 -10.67 12.13
O2 EDO G . 1.40 -9.35 11.65
C1 EDO H . 22.59 -12.78 27.50
O1 EDO H . 22.79 -14.13 28.00
C2 EDO H . 23.87 -11.95 27.50
O2 EDO H . 24.10 -11.40 26.19
C1 EDO I . 0.48 -3.46 31.99
O1 EDO I . 0.21 -4.75 32.54
C2 EDO I . 1.93 -3.36 31.52
O2 EDO I . 2.10 -2.13 30.80
C1 EDO J . 10.65 17.94 14.02
O1 EDO J . 9.37 17.82 14.65
C2 EDO J . 10.49 17.81 12.50
O2 EDO J . 11.27 18.78 11.81
C1 EDO K . 12.51 -24.46 0.79
O1 EDO K . 13.78 -23.80 0.73
C2 EDO K . 12.04 -24.74 -0.64
O2 EDO K . 10.61 -24.76 -0.67
C1 EDO L . -10.71 7.85 19.68
O1 EDO L . -10.21 7.82 21.02
C2 EDO L . -11.98 7.02 19.61
O2 EDO L . -11.70 5.70 20.09
C1 EDO M . 13.00 -17.82 29.21
O1 EDO M . 13.96 -18.63 29.91
C2 EDO M . 11.59 -18.15 29.67
O2 EDO M . 11.40 -19.57 29.62
CA CA N . 18.96 -1.95 24.15
S SO4 O . 10.84 -11.73 11.14
O1 SO4 O . 9.99 -12.55 10.29
O2 SO4 O . 11.42 -10.64 10.35
O3 SO4 O . 11.91 -12.56 11.70
O4 SO4 O . 10.08 -11.19 12.26
S SO4 P . 13.64 -30.22 21.60
O1 SO4 P . 13.52 -31.32 20.63
O2 SO4 P . 14.26 -29.06 20.96
O3 SO4 P . 14.48 -30.64 22.71
O4 SO4 P . 12.32 -29.89 22.10
C1 EDO Q . -1.43 12.87 -13.60
O1 EDO Q . -0.74 13.19 -14.82
C2 EDO Q . -2.23 11.57 -13.77
O2 EDO Q . -1.89 10.67 -12.71
C1 EDO R . 1.62 8.21 -19.08
O1 EDO R . 1.36 6.99 -18.38
C2 EDO R . 0.59 8.44 -20.17
O2 EDO R . -0.37 9.36 -19.68
C1 EDO S . 5.17 16.44 -38.17
O1 EDO S . 4.24 15.40 -38.53
C2 EDO S . 5.69 16.24 -36.75
O2 EDO S . 6.18 17.49 -36.27
C1 EDO T . -0.09 10.91 -3.73
O1 EDO T . -0.16 12.29 -3.45
C2 EDO T . 1.01 10.66 -4.75
O2 EDO T . 0.78 9.35 -5.28
C1 EDO U . -0.19 4.12 -19.20
O1 EDO U . -0.41 2.79 -19.68
C2 EDO U . -0.31 5.02 -20.41
O2 EDO U . -1.29 4.42 -21.26
C1 EDO V . -14.70 1.20 -27.48
O1 EDO V . -14.70 2.53 -26.88
C2 EDO V . -16.12 0.69 -27.63
O2 EDO V . -16.20 -0.73 -27.91
#